data_5G3L
#
_entry.id   5G3L
#
_cell.length_a   48.564
_cell.length_b   68.015
_cell.length_c   154.513
_cell.angle_alpha   90.00
_cell.angle_beta   90.00
_cell.angle_gamma   90.00
#
_symmetry.space_group_name_H-M   'P 21 21 21'
#
loop_
_entity.id
_entity.type
_entity.pdbx_description
1 polymer 'HEAT-LABILE ENTEROTOXIN IIB, B CHAIN'
2 polymer 'HEAT-LABILE ENTEROTOXIN IIB, B CHAIN'
3 branched 'N-acetyl-alpha-neuraminic acid-(2-3)-beta-D-galactopyranose'
4 non-polymer 'SODIUM ION'
5 non-polymer 'N-acetyl-alpha-neuraminic acid'
6 water water
#
loop_
_entity_poly.entity_id
_entity_poly.type
_entity_poly.pdbx_seq_one_letter_code
_entity_poly.pdbx_strand_id
1 'polypeptide(L)'
;GASQFFKDNCNRTTASLVEGVELTKYISDINNNTDGMYVVSSTGGVWRISRAKDYPDNVMTAEMRKIA(ME0)AAVLSGM
RVNMCASPASSPNVIWAIELEAE
;
D,E,H
2 'polypeptide(L)'
;GASQFFKDNCNRTTASLVEGVELTKYISDINNNTDGMYVVSSTGGVWRISRAKDYPDNVMTAEMRKIAMAAVLSGMRVNM
CASPASSPNVIWAIELEAE
;
F,G
#
loop_
_chem_comp.id
_chem_comp.type
_chem_comp.name
_chem_comp.formula
GAL D-saccharide, beta linking beta-D-galactopyranose 'C6 H12 O6'
NA non-polymer 'SODIUM ION' 'Na 1'
SIA D-saccharide, alpha linking 'N-acetyl-alpha-neuraminic acid' 'C11 H19 N O9'
#
# COMPACT_ATOMS: atom_id res chain seq x y z
N GLY A 1 -18.04 -13.38 15.07
CA GLY A 1 -18.58 -14.22 13.92
C GLY A 1 -18.88 -13.44 12.65
N ALA A 2 -19.09 -14.17 11.57
CA ALA A 2 -19.32 -13.58 10.24
C ALA A 2 -20.56 -12.74 10.30
N SER A 3 -20.54 -11.63 9.59
CA SER A 3 -21.75 -10.79 9.54
C SER A 3 -22.88 -11.63 8.92
N GLN A 4 -24.11 -11.33 9.32
CA GLN A 4 -25.23 -12.03 8.68
C GLN A 4 -25.30 -11.76 7.18
N PHE A 5 -24.93 -10.53 6.76
CA PHE A 5 -24.87 -10.17 5.34
C PHE A 5 -23.91 -11.11 4.58
N PHE A 6 -22.73 -11.30 5.16
CA PHE A 6 -21.68 -12.22 4.58
C PHE A 6 -22.16 -13.68 4.51
N LYS A 7 -22.79 -14.13 5.57
CA LYS A 7 -23.37 -15.51 5.58
C LYS A 7 -24.48 -15.70 4.57
N ASP A 8 -25.42 -14.77 4.53
CA ASP A 8 -26.56 -14.85 3.59
C ASP A 8 -26.02 -14.90 2.18
N ASN A 9 -25.05 -14.02 1.86
CA ASN A 9 -24.46 -14.01 0.53
C ASN A 9 -23.80 -15.34 0.12
N CYS A 10 -23.04 -15.90 1.03
CA CYS A 10 -22.35 -17.20 0.79
C CYS A 10 -23.37 -18.38 0.64
N ASN A 11 -24.41 -18.29 1.45
CA ASN A 11 -25.53 -19.31 1.41
C ASN A 11 -26.32 -19.34 0.12
N ARG A 12 -26.25 -18.32 -0.72
CA ARG A 12 -26.85 -18.37 -2.07
C ARG A 12 -26.02 -19.07 -3.14
N THR A 13 -24.83 -19.53 -2.75
CA THR A 13 -23.89 -20.14 -3.67
C THR A 13 -23.62 -21.60 -3.32
N THR A 14 -22.87 -22.25 -4.21
CA THR A 14 -22.34 -23.62 -3.98
C THR A 14 -21.08 -23.66 -3.13
N ALA A 15 -20.61 -22.48 -2.75
CA ALA A 15 -19.46 -22.41 -1.86
C ALA A 15 -19.80 -22.62 -0.42
N SER A 16 -18.78 -22.82 0.39
CA SER A 16 -18.91 -23.09 1.82
C SER A 16 -18.39 -21.97 2.68
N LEU A 17 -19.08 -21.76 3.80
CA LEU A 17 -18.68 -20.80 4.81
C LEU A 17 -17.68 -21.35 5.81
N VAL A 18 -16.57 -20.65 5.98
CA VAL A 18 -15.59 -20.96 6.99
C VAL A 18 -15.43 -19.72 7.89
N GLU A 19 -15.63 -19.87 9.19
CA GLU A 19 -15.62 -18.73 10.12
C GLU A 19 -14.49 -18.72 11.10
N GLY A 20 -14.03 -17.53 11.42
CA GLY A 20 -13.06 -17.33 12.50
C GLY A 20 -11.69 -18.00 12.26
N VAL A 21 -11.26 -17.95 11.02
CA VAL A 21 -9.99 -18.52 10.58
C VAL A 21 -8.83 -17.60 10.94
N GLU A 22 -7.78 -18.18 11.54
CA GLU A 22 -6.54 -17.48 11.80
C GLU A 22 -5.58 -17.82 10.69
N LEU A 23 -5.20 -16.81 9.89
CA LEU A 23 -4.23 -17.05 8.80
C LEU A 23 -2.84 -16.76 9.36
N THR A 24 -1.96 -17.75 9.19
CA THR A 24 -0.61 -17.70 9.72
C THR A 24 0.51 -17.72 8.65
N LYS A 25 0.14 -18.01 7.40
CA LYS A 25 1.08 -17.90 6.27
C LYS A 25 0.44 -17.31 5.02
N TYR A 26 1.25 -16.58 4.27
CA TYR A 26 0.84 -15.96 3.00
C TYR A 26 1.90 -16.28 1.96
N ILE A 27 1.46 -16.86 0.85
CA ILE A 27 2.35 -17.42 -0.21
C ILE A 27 2.16 -16.73 -1.54
N SER A 28 3.29 -16.33 -2.18
CA SER A 28 3.33 -15.93 -3.58
C SER A 28 4.22 -16.89 -4.36
N ASP A 29 3.67 -17.47 -5.41
CA ASP A 29 4.38 -18.53 -6.17
C ASP A 29 4.28 -18.26 -7.66
N ILE A 30 5.44 -18.25 -8.36
CA ILE A 30 5.43 -18.10 -9.82
C ILE A 30 5.91 -19.35 -10.58
N ASN A 31 6.04 -20.45 -9.88
CA ASN A 31 6.55 -21.70 -10.50
C ASN A 31 5.50 -22.27 -11.43
N ASN A 32 5.95 -23.00 -12.45
CA ASN A 32 4.99 -23.62 -13.38
C ASN A 32 3.99 -24.50 -12.64
N ASN A 33 2.72 -24.41 -12.99
CA ASN A 33 1.67 -25.30 -12.41
C ASN A 33 1.26 -25.04 -10.98
N THR A 34 2.13 -24.41 -10.16
CA THR A 34 1.73 -24.05 -8.83
C THR A 34 1.55 -22.55 -8.63
N ASP A 35 1.68 -21.82 -9.71
CA ASP A 35 1.64 -20.36 -9.67
C ASP A 35 0.31 -19.87 -9.04
N GLY A 36 0.42 -18.86 -8.22
CA GLY A 36 -0.74 -18.25 -7.59
C GLY A 36 -0.44 -17.62 -6.27
N MET A 37 -1.52 -17.13 -5.64
CA MET A 37 -1.48 -16.57 -4.34
C MET A 37 -2.33 -17.42 -3.37
N TYR A 38 -1.77 -17.76 -2.22
CA TYR A 38 -2.40 -18.66 -1.25
C TYR A 38 -2.29 -18.16 0.15
N VAL A 39 -3.21 -18.63 0.98
CA VAL A 39 -3.12 -18.49 2.39
C VAL A 39 -3.20 -19.84 3.12
N VAL A 40 -2.55 -19.90 4.25
CA VAL A 40 -2.52 -21.11 5.12
C VAL A 40 -3.01 -20.72 6.52
N SER A 41 -3.92 -21.55 7.05
CA SER A 41 -4.42 -21.29 8.41
C SER A 41 -3.56 -21.91 9.50
N SER A 42 -3.83 -21.52 10.73
CA SER A 42 -3.12 -22.05 11.94
C SER A 42 -3.20 -23.56 12.09
N THR A 43 -4.19 -24.18 11.50
CA THR A 43 -4.36 -25.64 11.53
C THR A 43 -3.85 -26.36 10.26
N GLY A 44 -3.30 -25.58 9.33
CA GLY A 44 -2.75 -26.14 8.09
C GLY A 44 -3.64 -26.20 6.87
N GLY A 45 -4.83 -25.62 6.95
CA GLY A 45 -5.71 -25.52 5.78
C GLY A 45 -5.11 -24.55 4.74
N VAL A 46 -5.33 -24.84 3.47
CA VAL A 46 -4.82 -23.99 2.35
C VAL A 46 -5.95 -23.56 1.42
N TRP A 47 -5.94 -22.27 1.04
CA TRP A 47 -6.89 -21.69 0.11
C TRP A 47 -6.16 -20.83 -0.94
N ARG A 48 -6.68 -20.86 -2.16
CA ARG A 48 -6.22 -20.03 -3.26
C ARG A 48 -7.01 -18.76 -3.27
N ILE A 49 -6.33 -17.66 -3.40
CA ILE A 49 -6.96 -16.37 -3.64
C ILE A 49 -7.30 -16.27 -5.12
N SER A 50 -8.56 -15.91 -5.42
CA SER A 50 -8.94 -15.62 -6.77
C SER A 50 -8.05 -14.57 -7.48
N ARG A 51 -7.86 -14.71 -8.78
CA ARG A 51 -7.27 -13.63 -9.56
C ARG A 51 -8.14 -13.23 -10.78
N ALA A 52 -7.93 -12.01 -11.25
CA ALA A 52 -8.64 -11.46 -12.37
C ALA A 52 -7.87 -10.32 -12.97
N LYS A 53 -7.77 -10.33 -14.30
N LYS A 53 -7.77 -10.33 -14.30
CA LYS A 53 -7.03 -9.28 -15.02
CA LYS A 53 -7.03 -9.28 -15.02
C LYS A 53 -7.79 -7.96 -15.14
C LYS A 53 -7.79 -7.96 -15.14
N ASP A 54 -9.09 -8.04 -15.33
CA ASP A 54 -9.87 -6.86 -15.71
C ASP A 54 -10.88 -6.40 -14.69
N TYR A 55 -11.32 -5.19 -14.91
CA TYR A 55 -12.29 -4.53 -14.08
C TYR A 55 -13.64 -5.22 -14.26
N PRO A 56 -14.46 -5.41 -13.22
CA PRO A 56 -14.21 -4.90 -11.85
C PRO A 56 -13.54 -5.88 -10.88
N ASP A 57 -13.34 -7.11 -11.30
CA ASP A 57 -12.82 -8.15 -10.36
C ASP A 57 -11.37 -7.97 -10.06
N ASN A 58 -10.67 -7.24 -10.90
CA ASN A 58 -9.26 -6.90 -10.54
C ASN A 58 -9.16 -6.10 -9.25
N VAL A 59 -10.17 -5.28 -8.98
CA VAL A 59 -10.26 -4.54 -7.72
C VAL A 59 -10.49 -5.48 -6.55
N MET A 60 -11.55 -6.28 -6.62
CA MET A 60 -11.89 -7.18 -5.48
C MET A 60 -10.76 -8.14 -5.18
N THR A 61 -10.15 -8.68 -6.20
CA THR A 61 -9.06 -9.69 -5.96
C THR A 61 -7.82 -9.01 -5.35
N ALA A 62 -7.52 -7.80 -5.80
CA ALA A 62 -6.45 -7.00 -5.10
C ALA A 62 -6.78 -6.80 -3.62
N GLU A 63 -8.04 -6.53 -3.28
CA GLU A 63 -8.42 -6.32 -1.91
C GLU A 63 -8.38 -7.62 -1.09
N MET A 64 -8.67 -8.77 -1.76
CA MET A 64 -8.53 -10.03 -1.08
C MET A 64 -7.07 -10.25 -0.66
N ARG A 65 -6.16 -9.91 -1.54
CA ARG A 65 -4.72 -9.99 -1.20
C ARG A 65 -4.37 -9.08 -0.01
N LYS A 66 -4.88 -7.83 -0.04
CA LYS A 66 -4.56 -6.90 1.06
C LYS A 66 -5.14 -7.41 2.41
N ILE A 67 -6.35 -7.99 2.33
CA ILE A 67 -6.99 -8.57 3.52
C ILE A 67 -6.12 -9.74 4.09
N ALA A 68 -5.66 -10.57 3.17
CA ALA A 68 -4.81 -11.73 3.57
C ALA A 68 -3.56 -11.27 4.26
C ME0 A 69 -1.96 -9.15 5.67
C ME0 A 69 -1.94 -9.13 5.67
N ME0 A 69 -2.89 -10.28 3.70
N ME0 A 69 -2.88 -10.29 3.69
O ME0 A 69 -1.21 -9.38 6.64
O ME0 A 69 -1.20 -9.37 6.63
CA ME0 A 69 -1.67 -9.73 4.33
CA ME0 A 69 -1.65 -9.73 4.31
CB ME0 A 69 -0.96 -8.67 3.51
CB ME0 A 69 -0.95 -8.74 3.39
SD ME0 A 69 1.11 -8.46 1.87
SD ME0 A 69 1.62 -9.10 4.09
CE ME0 A 69 2.42 -8.84 2.95
CE ME0 A 69 2.34 -8.73 2.54
OF ME0 A 69 1.91 -9.03 4.28
OF ME0 A 69 1.29 -8.49 1.59
CG ME0 A 69 -0.25 -9.40 2.44
CG ME0 A 69 0.20 -8.04 4.09
N ALA A 70 -3.02 -8.38 5.73
CA ALA A 70 -3.40 -7.69 6.97
C ALA A 70 -3.74 -8.65 8.07
N ALA A 71 -4.37 -9.77 7.68
CA ALA A 71 -4.70 -10.84 8.66
C ALA A 71 -3.42 -11.51 9.19
N VAL A 72 -2.50 -11.82 8.28
CA VAL A 72 -1.25 -12.52 8.67
C VAL A 72 -0.43 -11.63 9.61
N LEU A 73 -0.34 -10.36 9.28
CA LEU A 73 0.44 -9.40 10.09
C LEU A 73 -0.13 -9.10 11.47
N SER A 74 -1.44 -9.02 11.55
CA SER A 74 -2.16 -8.55 12.74
C SER A 74 -2.70 -9.66 13.63
N GLY A 75 -2.88 -10.82 13.08
CA GLY A 75 -3.60 -11.92 13.78
C GLY A 75 -5.13 -11.77 13.80
N MET A 76 -5.66 -10.78 13.08
CA MET A 76 -7.10 -10.65 12.92
C MET A 76 -7.66 -11.84 12.18
N ARG A 77 -8.80 -12.31 12.60
CA ARG A 77 -9.47 -13.43 11.94
C ARG A 77 -10.16 -13.03 10.65
N VAL A 78 -10.40 -14.03 9.78
CA VAL A 78 -11.21 -13.86 8.61
C VAL A 78 -12.35 -14.88 8.53
N ASN A 79 -13.40 -14.49 7.83
CA ASN A 79 -14.43 -15.43 7.38
C ASN A 79 -14.32 -15.57 5.87
N MET A 80 -14.41 -16.81 5.37
CA MET A 80 -14.29 -17.07 3.96
C MET A 80 -15.51 -17.79 3.39
N CYS A 81 -15.77 -17.49 2.14
CA CYS A 81 -16.74 -18.19 1.33
C CYS A 81 -15.90 -18.84 0.24
N ALA A 82 -15.75 -20.15 0.32
CA ALA A 82 -14.76 -20.88 -0.51
C ALA A 82 -15.40 -22.05 -1.25
N SER A 83 -15.12 -22.16 -2.52
CA SER A 83 -15.68 -23.22 -3.38
C SER A 83 -14.91 -24.52 -3.14
N PRO A 84 -15.65 -25.61 -2.86
CA PRO A 84 -14.93 -26.93 -2.73
C PRO A 84 -14.64 -27.63 -4.04
N ALA A 85 -14.92 -27.01 -5.16
CA ALA A 85 -14.77 -27.68 -6.43
C ALA A 85 -13.33 -28.07 -6.77
N SER A 86 -12.37 -27.27 -6.30
CA SER A 86 -10.94 -27.51 -6.64
C SER A 86 -10.10 -27.58 -5.41
N SER A 87 -8.83 -28.00 -5.62
CA SER A 87 -7.82 -28.03 -4.55
C SER A 87 -6.56 -27.27 -4.91
N PRO A 88 -6.14 -26.26 -4.12
CA PRO A 88 -6.83 -25.78 -2.91
C PRO A 88 -8.13 -25.08 -3.25
N ASN A 89 -9.05 -25.10 -2.31
CA ASN A 89 -10.32 -24.43 -2.48
C ASN A 89 -10.08 -22.93 -2.84
N VAL A 90 -10.90 -22.41 -3.72
CA VAL A 90 -10.81 -21.00 -4.16
C VAL A 90 -11.71 -20.09 -3.33
N ILE A 91 -11.13 -18.98 -2.86
CA ILE A 91 -11.88 -17.97 -2.14
C ILE A 91 -12.70 -17.07 -3.08
N TRP A 92 -14.02 -17.12 -2.90
CA TRP A 92 -14.94 -16.31 -3.69
C TRP A 92 -15.38 -15.04 -2.95
N ALA A 93 -15.31 -15.07 -1.63
CA ALA A 93 -15.49 -13.89 -0.79
C ALA A 93 -14.75 -14.02 0.50
N ILE A 94 -14.32 -12.88 1.08
CA ILE A 94 -13.62 -12.90 2.33
C ILE A 94 -13.95 -11.65 3.15
N GLU A 95 -14.02 -11.85 4.45
CA GLU A 95 -14.39 -10.83 5.44
C GLU A 95 -13.33 -10.76 6.49
N LEU A 96 -12.66 -9.59 6.58
CA LEU A 96 -11.72 -9.33 7.63
C LEU A 96 -12.45 -8.77 8.85
N GLU A 97 -12.17 -9.31 10.02
CA GLU A 97 -12.85 -8.78 11.23
C GLU A 97 -11.93 -8.30 12.31
N ALA A 98 -12.21 -7.10 12.78
CA ALA A 98 -11.52 -6.55 13.90
C ALA A 98 -12.03 -7.19 15.22
N GLU A 99 -13.31 -7.50 15.22
CA GLU A 99 -14.08 -8.09 16.29
C GLU A 99 -15.38 -8.54 15.55
N GLY B 1 -16.70 14.81 15.38
CA GLY B 1 -17.77 14.89 14.33
C GLY B 1 -17.29 15.27 12.94
N ALA B 2 -18.18 15.10 11.95
CA ALA B 2 -17.84 15.38 10.55
C ALA B 2 -17.46 16.83 10.41
N SER B 3 -16.46 17.08 9.57
CA SER B 3 -16.07 18.49 9.25
C SER B 3 -17.28 19.22 8.64
N GLN B 4 -17.37 20.52 8.88
CA GLN B 4 -18.41 21.29 8.22
C GLN B 4 -18.35 21.15 6.70
N PHE B 5 -17.14 21.15 6.14
CA PHE B 5 -16.94 20.96 4.73
C PHE B 5 -17.59 19.66 4.22
N PHE B 6 -17.31 18.55 4.90
CA PHE B 6 -17.90 17.26 4.56
C PHE B 6 -19.43 17.30 4.63
N LYS B 7 -19.95 17.91 5.68
CA LYS B 7 -21.43 18.03 5.88
C LYS B 7 -22.09 18.86 4.79
N ASP B 8 -21.50 20.02 4.51
CA ASP B 8 -21.98 20.85 3.39
C ASP B 8 -22.01 20.13 2.07
N ASN B 9 -20.94 19.37 1.77
CA ASN B 9 -20.88 18.66 0.52
C ASN B 9 -21.99 17.62 0.41
N CYS B 10 -22.21 16.89 1.48
CA CYS B 10 -23.23 15.82 1.51
C CYS B 10 -24.64 16.41 1.40
N ASN B 11 -24.77 17.57 1.99
CA ASN B 11 -26.08 18.34 1.88
C ASN B 11 -26.52 18.78 0.50
N ARG B 12 -25.59 18.90 -0.40
CA ARG B 12 -25.89 19.24 -1.78
C ARG B 12 -26.52 18.10 -2.51
N THR B 13 -26.49 16.92 -1.91
CA THR B 13 -26.87 15.70 -2.63
C THR B 13 -28.11 15.04 -2.03
N THR B 14 -28.57 14.00 -2.75
CA THR B 14 -29.71 13.14 -2.30
C THR B 14 -29.29 12.07 -1.27
N ALA B 15 -27.99 11.99 -1.02
CA ALA B 15 -27.44 11.05 -0.02
C ALA B 15 -27.62 11.50 1.41
N SER B 16 -27.40 10.57 2.33
CA SER B 16 -27.54 10.79 3.77
C SER B 16 -26.23 10.82 4.47
N LEU B 17 -26.10 11.75 5.39
CA LEU B 17 -24.96 11.78 6.32
C LEU B 17 -25.02 10.82 7.50
N VAL B 18 -23.97 10.03 7.70
CA VAL B 18 -23.83 9.14 8.83
C VAL B 18 -22.52 9.43 9.54
N GLU B 19 -22.59 9.82 10.80
CA GLU B 19 -21.38 10.25 11.52
C GLU B 19 -20.88 9.25 12.54
N GLY B 20 -19.55 9.22 12.73
CA GLY B 20 -18.91 8.56 13.85
C GLY B 20 -19.02 7.06 13.89
N VAL B 21 -19.01 6.47 12.70
CA VAL B 21 -19.21 5.03 12.50
C VAL B 21 -17.90 4.30 12.79
N GLU B 22 -17.95 3.22 13.63
CA GLU B 22 -16.80 2.32 13.84
C GLU B 22 -16.94 1.14 12.89
N LEU B 23 -16.03 1.00 11.93
CA LEU B 23 -16.05 -0.08 10.97
C LEU B 23 -15.22 -1.23 11.55
N THR B 24 -15.84 -2.41 11.63
CA THR B 24 -15.22 -3.62 12.22
C THR B 24 -15.03 -4.79 11.25
N LYS B 25 -15.64 -4.72 10.10
CA LYS B 25 -15.47 -5.70 9.05
C LYS B 25 -15.33 -5.09 7.68
N TYR B 26 -14.51 -5.75 6.85
CA TYR B 26 -14.27 -5.34 5.49
C TYR B 26 -14.38 -6.58 4.59
N ILE B 27 -15.20 -6.46 3.56
CA ILE B 27 -15.60 -7.57 2.71
C ILE B 27 -15.20 -7.32 1.26
N SER B 28 -14.53 -8.34 0.65
CA SER B 28 -14.38 -8.44 -0.78
C SER B 28 -15.13 -9.67 -1.28
N ASP B 29 -15.96 -9.47 -2.30
CA ASP B 29 -16.84 -10.52 -2.88
C ASP B 29 -16.83 -10.51 -4.38
N ILE B 30 -16.58 -11.68 -5.02
CA ILE B 30 -16.66 -11.80 -6.46
C ILE B 30 -17.81 -12.70 -6.96
N ASN B 31 -18.69 -13.06 -6.07
CA ASN B 31 -19.84 -13.96 -6.45
C ASN B 31 -20.82 -13.22 -7.34
N ASN B 32 -21.53 -13.96 -8.20
CA ASN B 32 -22.53 -13.34 -9.07
C ASN B 32 -23.52 -12.58 -8.22
N ASN B 33 -23.89 -11.42 -8.66
CA ASN B 33 -24.98 -10.65 -8.01
C ASN B 33 -24.62 -9.99 -6.72
N THR B 34 -23.63 -10.50 -6.00
CA THR B 34 -23.18 -9.81 -4.76
C THR B 34 -21.80 -9.22 -4.85
N ASP B 35 -21.23 -9.25 -6.03
N ASP B 35 -21.23 -9.26 -6.04
CA ASP B 35 -19.88 -8.80 -6.37
CA ASP B 35 -19.87 -8.83 -6.28
C ASP B 35 -19.68 -7.37 -5.91
C ASP B 35 -19.67 -7.37 -5.90
N GLY B 36 -18.59 -7.12 -5.19
CA GLY B 36 -18.33 -5.77 -4.67
C GLY B 36 -17.51 -5.73 -3.43
N MET B 37 -17.28 -4.50 -2.97
CA MET B 37 -16.58 -4.21 -1.74
C MET B 37 -17.55 -3.61 -0.72
N TYR B 38 -17.53 -4.07 0.50
CA TYR B 38 -18.44 -3.65 1.52
C TYR B 38 -17.75 -3.42 2.87
N VAL B 39 -18.37 -2.63 3.73
CA VAL B 39 -17.94 -2.45 5.10
C VAL B 39 -19.12 -2.69 6.05
N VAL B 40 -18.79 -3.15 7.24
CA VAL B 40 -19.77 -3.46 8.28
C VAL B 40 -19.37 -2.72 9.54
N SER B 41 -20.36 -2.05 10.17
CA SER B 41 -20.09 -1.32 11.42
C SER B 41 -20.14 -2.23 12.63
N SER B 42 -19.65 -1.72 13.74
CA SER B 42 -19.63 -2.44 15.02
C SER B 42 -21.04 -2.90 15.49
N THR B 43 -22.07 -2.24 15.00
CA THR B 43 -23.44 -2.61 15.40
C THR B 43 -24.17 -3.39 14.32
N GLY B 44 -23.50 -3.66 13.19
CA GLY B 44 -24.05 -4.45 12.10
C GLY B 44 -24.57 -3.80 10.84
N GLY B 45 -24.45 -2.48 10.76
CA GLY B 45 -24.79 -1.75 9.57
C GLY B 45 -23.88 -2.11 8.39
N VAL B 46 -24.39 -2.16 7.20
CA VAL B 46 -23.62 -2.52 5.98
C VAL B 46 -23.72 -1.47 4.88
N TRP B 47 -22.57 -1.10 4.27
CA TRP B 47 -22.50 -0.20 3.14
C TRP B 47 -21.65 -0.75 2.03
N ARG B 48 -21.97 -0.39 0.84
CA ARG B 48 -21.20 -0.73 -0.37
C ARG B 48 -20.27 0.43 -0.74
N ILE B 49 -19.04 0.12 -1.06
CA ILE B 49 -18.10 1.07 -1.56
C ILE B 49 -18.33 1.31 -3.01
N SER B 50 -18.38 2.58 -3.43
CA SER B 50 -18.44 2.92 -4.83
C SER B 50 -17.32 2.27 -5.67
N ARG B 51 -17.68 1.88 -6.90
CA ARG B 51 -16.68 1.51 -7.90
C ARG B 51 -16.79 2.41 -9.11
N ALA B 52 -15.72 2.49 -9.81
CA ALA B 52 -15.64 3.29 -11.07
C ALA B 52 -14.58 2.73 -11.96
N LYS B 53 -14.87 2.63 -13.24
CA LYS B 53 -13.91 2.04 -14.17
C LYS B 53 -12.78 2.99 -14.61
N ASP B 54 -13.12 4.26 -14.78
CA ASP B 54 -12.18 5.23 -15.38
C ASP B 54 -11.71 6.35 -14.46
N TYR B 55 -10.66 7.01 -14.90
CA TYR B 55 -10.16 8.26 -14.34
C TYR B 55 -11.18 9.39 -14.55
N PRO B 56 -11.43 10.26 -13.57
CA PRO B 56 -10.78 10.30 -12.27
C PRO B 56 -11.41 9.51 -11.12
N ASP B 57 -12.63 9.01 -11.31
CA ASP B 57 -13.40 8.41 -10.20
C ASP B 57 -12.72 7.17 -9.64
N ASN B 58 -11.93 6.52 -10.49
CA ASN B 58 -11.23 5.31 -9.99
C ASN B 58 -10.11 5.63 -8.99
N VAL B 59 -9.62 6.87 -9.02
CA VAL B 59 -8.72 7.36 -7.95
C VAL B 59 -9.41 7.49 -6.59
N MET B 60 -10.50 8.21 -6.60
CA MET B 60 -11.31 8.41 -5.39
C MET B 60 -11.82 7.06 -4.82
N THR B 61 -12.25 6.16 -5.68
CA THR B 61 -12.74 4.84 -5.20
C THR B 61 -11.62 4.03 -4.58
N ALA B 62 -10.44 4.03 -5.18
CA ALA B 62 -9.27 3.43 -4.54
C ALA B 62 -8.99 3.99 -3.16
N GLU B 63 -9.11 5.32 -3.00
CA GLU B 63 -8.86 5.92 -1.68
C GLU B 63 -9.96 5.61 -0.69
N MET B 64 -11.21 5.41 -1.16
CA MET B 64 -12.28 4.92 -0.26
C MET B 64 -11.94 3.55 0.33
N ARG B 65 -11.41 2.69 -0.52
CA ARG B 65 -10.99 1.37 -0.06
C ARG B 65 -9.86 1.42 0.94
N LYS B 66 -8.87 2.30 0.69
CA LYS B 66 -7.79 2.48 1.63
C LYS B 66 -8.30 3.01 2.99
N ILE B 67 -9.21 3.98 2.94
CA ILE B 67 -9.82 4.55 4.17
C ILE B 67 -10.55 3.42 4.97
N ALA B 68 -11.32 2.61 4.25
CA ALA B 68 -12.06 1.52 4.89
C ALA B 68 -11.14 0.56 5.59
C ME0 B 69 -8.43 -0.17 6.72
N ME0 B 69 -10.07 0.12 4.92
O ME0 B 69 -8.26 -0.81 7.76
CA ME0 B 69 -9.12 -0.78 5.52
CB ME0 B 69 -8.11 -1.29 4.49
SD ME0 B 69 -7.43 -3.75 5.48
CE ME0 B 69 -7.13 -4.44 3.91
OF ME0 B 69 -7.26 -3.41 2.91
CG ME0 B 69 -6.95 -2.03 5.16
N ALA B 70 -8.04 1.08 6.59
CA ALA B 70 -7.35 1.78 7.65
C ALA B 70 -8.23 1.90 8.91
N ALA B 71 -9.50 2.16 8.67
CA ALA B 71 -10.50 2.29 9.78
C ALA B 71 -10.70 0.97 10.48
N VAL B 72 -10.81 -0.11 9.72
CA VAL B 72 -10.98 -1.47 10.31
C VAL B 72 -9.74 -1.86 11.16
N LEU B 73 -8.54 -1.63 10.60
CA LEU B 73 -7.29 -1.94 11.33
C LEU B 73 -7.11 -1.12 12.61
N SER B 74 -7.48 0.15 12.60
CA SER B 74 -7.13 1.12 13.66
C SER B 74 -8.24 1.39 14.69
N GLY B 75 -9.46 1.14 14.29
CA GLY B 75 -10.63 1.57 15.05
C GLY B 75 -10.96 3.08 14.92
N MET B 76 -10.29 3.79 14.05
CA MET B 76 -10.62 5.18 13.77
C MET B 76 -12.01 5.23 13.15
N ARG B 77 -12.76 6.23 13.52
CA ARG B 77 -14.08 6.42 13.01
C ARG B 77 -14.13 7.05 11.64
N VAL B 78 -15.25 6.80 10.94
CA VAL B 78 -15.52 7.45 9.66
C VAL B 78 -16.88 8.18 9.68
N ASN B 79 -16.98 9.17 8.80
CA ASN B 79 -18.20 9.75 8.45
C ASN B 79 -18.51 9.45 7.01
N MET B 80 -19.74 9.10 6.70
CA MET B 80 -20.14 8.70 5.35
C MET B 80 -21.26 9.56 4.77
N CYS B 81 -21.19 9.73 3.48
CA CYS B 81 -22.27 10.28 2.69
C CYS B 81 -22.73 9.15 1.82
N ALA B 82 -23.94 8.61 2.13
CA ALA B 82 -24.41 7.37 1.51
C ALA B 82 -25.80 7.44 0.89
N SER B 83 -25.95 6.92 -0.33
CA SER B 83 -27.21 7.04 -1.09
C SER B 83 -28.21 5.96 -0.69
N PRO B 84 -29.45 6.36 -0.33
CA PRO B 84 -30.47 5.33 0.00
C PRO B 84 -31.14 4.68 -1.22
N ALA B 85 -30.69 4.97 -2.41
CA ALA B 85 -31.32 4.44 -3.63
C ALA B 85 -31.18 2.93 -3.80
N SER B 86 -30.16 2.36 -3.19
CA SER B 86 -29.97 0.89 -3.19
C SER B 86 -29.64 0.36 -1.81
N SER B 87 -29.75 -0.96 -1.62
CA SER B 87 -29.38 -1.64 -0.36
C SER B 87 -28.34 -2.74 -0.64
N PRO B 88 -27.18 -2.77 0.04
CA PRO B 88 -26.74 -1.78 0.98
C PRO B 88 -26.53 -0.42 0.33
N ASN B 89 -26.71 0.62 1.14
CA ASN B 89 -26.50 1.98 0.64
C ASN B 89 -25.07 2.15 0.12
N VAL B 90 -24.95 2.88 -0.97
CA VAL B 90 -23.68 3.13 -1.62
C VAL B 90 -22.99 4.38 -1.03
N ILE B 91 -21.69 4.21 -0.70
CA ILE B 91 -20.85 5.35 -0.23
C ILE B 91 -20.38 6.23 -1.37
N TRP B 92 -20.86 7.47 -1.35
CA TRP B 92 -20.48 8.49 -2.35
C TRP B 92 -19.30 9.39 -1.85
N ALA B 93 -19.21 9.53 -0.57
CA ALA B 93 -18.07 10.22 0.09
C ALA B 93 -17.82 9.65 1.46
N ILE B 94 -16.55 9.68 1.87
CA ILE B 94 -16.17 9.16 3.18
C ILE B 94 -15.05 10.01 3.75
N GLU B 95 -15.08 10.19 5.07
CA GLU B 95 -14.14 10.99 5.81
C GLU B 95 -13.57 10.15 6.95
N LEU B 96 -12.26 9.89 6.91
CA LEU B 96 -11.56 9.22 7.99
C LEU B 96 -11.14 10.26 9.03
N GLU B 97 -11.37 9.98 10.31
CA GLU B 97 -11.03 10.93 11.34
C GLU B 97 -10.14 10.37 12.45
N ALA B 98 -9.10 11.09 12.73
CA ALA B 98 -8.21 10.75 13.82
C ALA B 98 -8.95 11.03 15.17
N GLU B 99 -9.83 11.92 15.32
N GLY C 1 10.32 22.28 12.10
CA GLY C 1 9.93 23.21 10.99
C GLY C 1 10.24 22.68 9.59
N ALA C 2 9.73 23.36 8.58
CA ALA C 2 9.94 22.96 7.18
C ALA C 2 11.41 23.02 6.85
N SER C 3 11.86 22.09 6.03
CA SER C 3 13.30 22.11 5.57
C SER C 3 13.56 23.40 4.81
N GLN C 4 14.82 23.87 4.83
CA GLN C 4 15.17 24.97 4.00
C GLN C 4 14.87 24.74 2.54
N PHE C 5 15.12 23.50 2.08
CA PHE C 5 14.88 23.13 0.72
C PHE C 5 13.40 23.36 0.37
N PHE C 6 12.52 22.80 1.21
CA PHE C 6 11.06 22.95 0.99
C PHE C 6 10.61 24.42 0.97
N LYS C 7 11.15 25.19 1.91
CA LYS C 7 10.84 26.65 1.98
C LYS C 7 11.27 27.39 0.75
N ASP C 8 12.52 27.12 0.33
CA ASP C 8 13.06 27.77 -0.88
C ASP C 8 12.22 27.45 -2.09
N ASN C 9 11.81 26.18 -2.23
CA ASN C 9 10.98 25.81 -3.33
C ASN C 9 9.65 26.50 -3.36
N CYS C 10 9.02 26.62 -2.20
CA CYS C 10 7.71 27.32 -2.14
C CYS C 10 7.87 28.83 -2.44
N ASN C 11 8.98 29.39 -1.95
CA ASN C 11 9.34 30.86 -2.14
C ASN C 11 9.69 31.23 -3.58
N ARG C 12 9.83 30.26 -4.48
CA ARG C 12 9.90 30.46 -5.96
C ARG C 12 8.58 30.70 -6.61
N THR C 13 7.51 30.45 -5.83
CA THR C 13 6.17 30.45 -6.38
C THR C 13 5.34 31.54 -5.77
N THR C 14 4.10 31.65 -6.27
CA THR C 14 3.08 32.54 -5.66
C THR C 14 2.27 31.92 -4.52
N ALA C 15 2.57 30.66 -4.21
CA ALA C 15 1.86 29.91 -3.15
C ALA C 15 2.32 30.30 -1.76
N SER C 16 1.59 29.88 -0.74
CA SER C 16 1.88 30.16 0.68
C SER C 16 2.36 28.97 1.41
N LEU C 17 3.34 29.20 2.24
CA LEU C 17 3.87 28.14 3.11
C LEU C 17 3.06 28.01 4.40
N VAL C 18 2.64 26.79 4.73
CA VAL C 18 1.96 26.51 5.98
C VAL C 18 2.73 25.45 6.72
N GLU C 19 3.19 25.76 7.92
CA GLU C 19 4.09 24.85 8.61
C GLU C 19 3.47 24.20 9.80
N GLY C 20 3.88 22.96 10.03
CA GLY C 20 3.57 22.26 11.30
C GLY C 20 2.09 21.92 11.53
N VAL C 21 1.43 21.63 10.43
CA VAL C 21 0.00 21.32 10.38
C VAL C 21 -0.26 19.88 10.85
N GLU C 22 -1.24 19.75 11.76
CA GLU C 22 -1.74 18.44 12.18
C GLU C 22 -2.99 18.13 11.39
N LEU C 23 -2.91 17.11 10.55
CA LEU C 23 -4.07 16.67 9.75
C LEU C 23 -4.83 15.63 10.56
N THR C 24 -6.11 15.88 10.74
CA THR C 24 -6.98 15.03 11.51
C THR C 24 -8.11 14.34 10.72
N LYS C 25 -8.35 14.78 9.49
CA LYS C 25 -9.34 14.15 8.61
C LYS C 25 -8.82 14.01 7.19
N TYR C 26 -9.22 12.93 6.56
CA TYR C 26 -8.95 12.69 5.13
C TYR C 26 -10.25 12.27 4.41
N ILE C 27 -10.53 12.93 3.29
CA ILE C 27 -11.78 12.83 2.54
C ILE C 27 -11.60 12.37 1.09
N SER C 28 -12.40 11.35 0.71
CA SER C 28 -12.56 10.95 -0.66
C SER C 28 -14.01 11.12 -1.06
N ASP C 29 -14.23 11.88 -2.13
CA ASP C 29 -15.59 12.28 -2.56
C ASP C 29 -15.75 12.10 -4.08
N ILE C 30 -16.82 11.40 -4.53
CA ILE C 30 -17.04 11.27 -5.99
C ILE C 30 -18.26 12.06 -6.48
N ASN C 31 -18.82 12.86 -5.59
CA ASN C 31 -20.07 13.60 -5.88
C ASN C 31 -19.81 14.64 -6.91
N ASN C 32 -20.82 14.94 -7.73
CA ASN C 32 -20.65 15.98 -8.76
C ASN C 32 -20.17 17.27 -8.09
N ASN C 33 -19.21 17.95 -8.71
CA ASN C 33 -18.85 19.31 -8.27
C ASN C 33 -17.99 19.38 -7.04
N THR C 34 -18.06 18.37 -6.18
CA THR C 34 -17.15 18.32 -5.01
C THR C 34 -16.13 17.18 -5.09
N ASP C 35 -16.12 16.51 -6.23
CA ASP C 35 -15.32 15.31 -6.38
C ASP C 35 -13.85 15.65 -6.18
N GLY C 36 -13.16 14.80 -5.40
CA GLY C 36 -11.75 15.02 -5.16
C GLY C 36 -11.30 14.45 -3.85
N MET C 37 -10.02 14.71 -3.54
CA MET C 37 -9.39 14.29 -2.29
C MET C 37 -9.01 15.52 -1.47
N TYR C 38 -9.38 15.52 -0.19
CA TYR C 38 -9.17 16.66 0.71
C TYR C 38 -8.62 16.25 2.07
N VAL C 39 -7.89 17.16 2.68
CA VAL C 39 -7.48 16.99 4.09
C VAL C 39 -7.99 18.18 4.95
N VAL C 40 -8.22 17.88 6.21
CA VAL C 40 -8.72 18.86 7.19
C VAL C 40 -7.75 18.85 8.37
N SER C 41 -7.37 20.05 8.81
CA SER C 41 -6.48 20.13 9.94
C SER C 41 -7.22 20.14 11.30
N SER C 42 -6.44 20.03 12.37
CA SER C 42 -6.94 20.10 13.77
C SER C 42 -7.66 21.42 14.11
N THR C 43 -7.42 22.47 13.34
CA THR C 43 -8.08 23.78 13.54
C THR C 43 -9.22 24.02 12.55
N GLY C 44 -9.47 23.05 11.70
CA GLY C 44 -10.57 23.12 10.70
C GLY C 44 -10.21 23.67 9.32
N GLY C 45 -8.92 23.87 9.04
CA GLY C 45 -8.48 24.30 7.71
C GLY C 45 -8.70 23.14 6.74
N VAL C 46 -9.01 23.47 5.50
CA VAL C 46 -9.27 22.45 4.44
C VAL C 46 -8.38 22.73 3.24
N TRP C 47 -7.72 21.67 2.75
CA TRP C 47 -6.90 21.76 1.50
C TRP C 47 -7.24 20.65 0.55
N ARG C 48 -7.11 20.92 -0.75
CA ARG C 48 -7.38 19.93 -1.81
C ARG C 48 -6.05 19.38 -2.33
N ILE C 49 -6.03 18.08 -2.52
CA ILE C 49 -4.87 17.40 -3.14
C ILE C 49 -5.14 17.33 -4.64
N SER C 50 -4.22 17.78 -5.48
CA SER C 50 -4.46 17.71 -6.96
C SER C 50 -4.44 16.26 -7.43
N ARG C 51 -4.99 16.13 -8.64
CA ARG C 51 -5.11 14.87 -9.37
C ARG C 51 -4.46 15.00 -10.76
N ALA C 52 -3.88 13.91 -11.23
CA ALA C 52 -3.28 13.88 -12.59
C ALA C 52 -3.33 12.46 -13.09
N LYS C 53 -3.81 12.29 -14.32
CA LYS C 53 -3.91 10.97 -14.94
C LYS C 53 -2.56 10.41 -15.41
N ASP C 54 -1.72 11.27 -15.93
CA ASP C 54 -0.49 10.83 -16.64
C ASP C 54 0.81 11.12 -15.91
N TYR C 55 1.85 10.45 -16.38
CA TYR C 55 3.17 10.60 -15.89
C TYR C 55 3.73 11.96 -16.31
N PRO C 56 4.46 12.67 -15.46
CA PRO C 56 4.93 12.19 -14.14
C PRO C 56 4.07 12.56 -12.93
N ASP C 57 3.07 13.42 -13.14
CA ASP C 57 2.35 13.99 -11.99
C ASP C 57 1.45 12.95 -11.37
N ASN C 58 1.15 11.87 -12.08
CA ASN C 58 0.40 10.81 -11.44
C ASN C 58 1.21 10.19 -10.30
N VAL C 59 2.51 10.21 -10.39
CA VAL C 59 3.35 9.71 -9.29
C VAL C 59 3.29 10.64 -8.06
N MET C 60 3.60 11.93 -8.30
CA MET C 60 3.65 12.88 -7.19
C MET C 60 2.31 13.01 -6.50
N THR C 61 1.23 13.04 -7.26
CA THR C 61 -0.13 13.16 -6.66
C THR C 61 -0.47 11.92 -5.84
N ALA C 62 -0.14 10.75 -6.35
CA ALA C 62 -0.29 9.50 -5.51
C ALA C 62 0.47 9.60 -4.20
N GLU C 63 1.69 10.10 -4.24
CA GLU C 63 2.47 10.23 -3.01
C GLU C 63 1.89 11.28 -2.07
N MET C 64 1.29 12.35 -2.60
CA MET C 64 0.65 13.34 -1.71
C MET C 64 -0.47 12.66 -0.92
N ARG C 65 -1.21 11.80 -1.61
CA ARG C 65 -2.32 11.04 -0.94
C ARG C 65 -1.78 10.10 0.11
N LYS C 66 -0.64 9.44 -0.17
CA LYS C 66 0.00 8.57 0.83
C LYS C 66 0.49 9.35 2.04
N ILE C 67 1.05 10.52 1.79
CA ILE C 67 1.52 11.40 2.89
C ILE C 67 0.31 11.79 3.77
N ALA C 68 -0.76 12.20 3.12
CA ALA C 68 -2.00 12.61 3.85
C ALA C 68 -2.51 11.51 4.74
N MET C 69 -2.65 10.31 4.21
N MET C 69 -2.66 10.31 4.21
CA MET C 69 -3.15 9.22 5.03
CA MET C 69 -3.12 9.16 4.99
C MET C 69 -2.18 8.92 6.17
C MET C 69 -2.18 8.86 6.15
N ALA C 70 -0.89 8.88 5.86
CA ALA C 70 0.12 8.58 6.89
C ALA C 70 0.09 9.60 8.03
N ALA C 71 -0.11 10.86 7.68
CA ALA C 71 -0.19 11.95 8.66
C ALA C 71 -1.43 11.79 9.54
N VAL C 72 -2.59 11.49 8.90
CA VAL C 72 -3.84 11.27 9.68
C VAL C 72 -3.71 10.09 10.64
N LEU C 73 -3.15 9.00 10.16
CA LEU C 73 -2.98 7.79 11.00
C LEU C 73 -2.03 7.95 12.16
N SER C 74 -0.95 8.69 11.95
CA SER C 74 0.19 8.77 12.89
C SER C 74 0.18 10.03 13.76
N GLY C 75 -0.51 11.07 13.31
CA GLY C 75 -0.38 12.41 13.95
C GLY C 75 0.92 13.16 13.62
N MET C 76 1.73 12.64 12.70
CA MET C 76 2.90 13.36 12.19
C MET C 76 2.47 14.62 11.47
N ARG C 77 3.21 15.70 11.68
CA ARG C 77 2.91 16.97 11.09
C ARG C 77 3.33 17.04 9.62
N VAL C 78 2.69 17.92 8.89
CA VAL C 78 3.09 18.23 7.53
C VAL C 78 3.38 19.76 7.36
N ASN C 79 4.23 20.07 6.41
CA ASN C 79 4.34 21.40 5.84
C ASN C 79 3.78 21.41 4.44
N MET C 80 3.01 22.44 4.09
CA MET C 80 2.40 22.55 2.82
C MET C 80 2.78 23.81 2.05
N CYS C 81 2.86 23.68 0.72
CA CYS C 81 2.98 24.82 -0.21
C CYS C 81 1.68 24.87 -0.92
N ALA C 82 0.82 25.84 -0.56
CA ALA C 82 -0.58 25.79 -1.02
C ALA C 82 -0.97 27.08 -1.70
N SER C 83 -1.64 26.96 -2.82
CA SER C 83 -2.03 28.17 -3.59
C SER C 83 -3.40 28.71 -3.11
N PRO C 84 -3.53 30.00 -2.85
CA PRO C 84 -4.83 30.60 -2.52
C PRO C 84 -5.73 30.89 -3.73
N ALA C 85 -5.34 30.50 -4.94
CA ALA C 85 -6.12 30.75 -6.15
C ALA C 85 -7.40 29.91 -6.29
N SER C 86 -7.44 28.81 -5.57
CA SER C 86 -8.67 27.99 -5.44
C SER C 86 -9.12 27.94 -3.97
N SER C 87 -10.39 27.66 -3.76
CA SER C 87 -10.98 27.40 -2.44
C SER C 87 -11.77 26.05 -2.43
N PRO C 88 -11.38 25.03 -1.65
CA PRO C 88 -10.18 25.05 -0.80
C PRO C 88 -8.89 25.26 -1.54
N ASN C 89 -7.90 25.80 -0.83
CA ASN C 89 -6.57 25.98 -1.39
C ASN C 89 -5.99 24.64 -1.85
N VAL C 90 -5.28 24.68 -2.99
CA VAL C 90 -4.68 23.48 -3.57
C VAL C 90 -3.23 23.29 -3.19
N ILE C 91 -2.90 22.06 -2.83
CA ILE C 91 -1.55 21.70 -2.45
C ILE C 91 -0.66 21.50 -3.71
N TRP C 92 0.36 22.32 -3.82
CA TRP C 92 1.39 22.20 -4.86
C TRP C 92 2.61 21.41 -4.44
N ALA C 93 2.86 21.39 -3.16
CA ALA C 93 3.91 20.55 -2.55
C ALA C 93 3.57 20.26 -1.11
N ILE C 94 4.04 19.12 -0.62
CA ILE C 94 3.83 18.76 0.75
C ILE C 94 5.06 17.98 1.31
N GLU C 95 5.31 18.19 2.57
CA GLU C 95 6.44 17.64 3.30
C GLU C 95 5.98 16.97 4.57
N LEU C 96 6.13 15.66 4.64
CA LEU C 96 5.82 14.89 5.86
C LEU C 96 7.01 14.88 6.78
N GLU C 97 6.79 15.18 8.08
CA GLU C 97 7.94 15.17 8.97
C GLU C 97 7.82 14.24 10.15
N ALA C 98 8.91 13.54 10.41
CA ALA C 98 8.96 12.65 11.57
C ALA C 98 9.13 13.46 12.87
N GLU C 99 8.76 12.99 13.93
N GLY D 1 25.51 -1.46 9.32
CA GLY D 1 26.16 -0.91 8.07
C GLY D 1 25.62 -1.54 6.78
N ALA D 2 25.94 -0.91 5.68
CA ALA D 2 25.51 -1.37 4.37
C ALA D 2 26.01 -2.76 4.12
N SER D 3 25.19 -3.58 3.47
CA SER D 3 25.61 -4.93 3.10
C SER D 3 26.80 -4.87 2.15
N GLN D 4 27.65 -5.88 2.20
CA GLN D 4 28.77 -5.97 1.26
C GLN D 4 28.29 -5.95 -0.20
N PHE D 5 27.17 -6.64 -0.45
CA PHE D 5 26.53 -6.63 -1.75
C PHE D 5 26.20 -5.21 -2.24
N PHE D 6 25.52 -4.45 -1.39
CA PHE D 6 25.19 -3.06 -1.71
C PHE D 6 26.44 -2.20 -1.99
N LYS D 7 27.45 -2.35 -1.15
CA LYS D 7 28.71 -1.60 -1.32
C LYS D 7 29.39 -1.95 -2.64
N ASP D 8 29.54 -3.24 -2.89
CA ASP D 8 30.17 -3.74 -4.15
C ASP D 8 29.44 -3.17 -5.35
N ASN D 9 28.09 -3.18 -5.29
CA ASN D 9 27.33 -2.62 -6.44
C ASN D 9 27.57 -1.13 -6.66
N CYS D 10 27.61 -0.37 -5.57
CA CYS D 10 27.81 1.09 -5.65
C CYS D 10 29.22 1.39 -6.14
N ASN D 11 30.15 0.50 -5.78
CA ASN D 11 31.62 0.64 -6.16
C ASN D 11 31.88 0.55 -7.67
N ARG D 12 30.97 -0.08 -8.38
CA ARG D 12 31.06 -0.16 -9.84
C ARG D 12 30.73 1.15 -10.54
N THR D 13 30.20 2.13 -9.80
CA THR D 13 29.61 3.32 -10.39
C THR D 13 30.35 4.60 -9.99
N THR D 14 29.94 5.70 -10.61
CA THR D 14 30.44 7.07 -10.30
C THR D 14 29.74 7.72 -9.13
N ALA D 15 28.73 7.02 -8.64
CA ALA D 15 28.00 7.51 -7.46
C ALA D 15 28.76 7.27 -6.16
N SER D 16 28.27 7.85 -5.08
CA SER D 16 28.86 7.75 -3.77
C SER D 16 28.00 6.97 -2.80
N LEU D 17 28.66 6.19 -1.96
CA LEU D 17 28.01 5.52 -0.84
C LEU D 17 27.78 6.43 0.37
N VAL D 18 26.54 6.47 0.84
CA VAL D 18 26.20 7.17 2.09
C VAL D 18 25.54 6.18 3.03
N GLU D 19 26.10 5.98 4.23
CA GLU D 19 25.64 4.94 5.13
C GLU D 19 24.96 5.47 6.37
N GLY D 20 23.98 4.74 6.82
CA GLY D 20 23.35 4.97 8.13
C GLY D 20 22.59 6.30 8.25
N VAL D 21 21.92 6.70 7.17
CA VAL D 21 21.19 7.96 7.07
C VAL D 21 19.81 7.81 7.74
N GLU D 22 19.49 8.75 8.62
CA GLU D 22 18.14 8.86 9.20
C GLU D 22 17.33 9.85 8.40
N LEU D 23 16.29 9.38 7.72
CA LEU D 23 15.44 10.24 6.95
C LEU D 23 14.32 10.72 7.84
N THR D 24 14.14 12.03 7.88
CA THR D 24 13.14 12.65 8.73
C THR D 24 12.05 13.41 8.02
N LYS D 25 12.24 13.70 6.74
CA LYS D 25 11.22 14.33 5.92
C LYS D 25 11.08 13.68 4.51
N TYR D 26 9.84 13.68 4.02
CA TYR D 26 9.50 13.13 2.72
C TYR D 26 8.65 14.16 1.98
N ILE D 27 9.10 14.52 0.78
CA ILE D 27 8.54 15.61 -0.02
C ILE D 27 7.97 15.16 -1.35
N SER D 28 6.75 15.58 -1.63
CA SER D 28 6.17 15.47 -2.98
C SER D 28 5.90 16.87 -3.52
N ASP D 29 6.38 17.17 -4.73
CA ASP D 29 6.33 18.54 -5.32
C ASP D 29 5.90 18.46 -6.77
N ILE D 30 4.90 19.24 -7.16
CA ILE D 30 4.48 19.35 -8.56
C ILE D 30 4.66 20.74 -9.18
N ASN D 31 5.39 21.59 -8.50
CA ASN D 31 5.68 22.95 -9.00
C ASN D 31 6.62 22.89 -10.22
N ASN D 32 6.52 23.89 -11.11
CA ASN D 32 7.43 23.94 -12.31
C ASN D 32 8.86 23.93 -11.86
N ASN D 33 9.69 23.16 -12.52
CA ASN D 33 11.15 23.22 -12.25
C ASN D 33 11.64 22.58 -10.95
N THR D 34 10.79 22.44 -9.92
CA THR D 34 11.16 21.70 -8.72
C THR D 34 10.39 20.36 -8.55
N ASP D 35 9.59 20.00 -9.56
CA ASP D 35 8.74 18.82 -9.49
C ASP D 35 9.57 17.56 -9.25
N GLY D 36 9.07 16.72 -8.34
CA GLY D 36 9.75 15.49 -8.02
C GLY D 36 9.40 14.98 -6.62
N MET D 37 10.07 13.91 -6.25
CA MET D 37 10.03 13.32 -4.93
C MET D 37 11.42 13.41 -4.28
N TYR D 38 11.43 13.84 -3.04
CA TYR D 38 12.69 14.07 -2.32
C TYR D 38 12.63 13.56 -0.90
N VAL D 39 13.81 13.31 -0.34
CA VAL D 39 13.95 13.00 1.09
C VAL D 39 14.96 13.95 1.73
N VAL D 40 14.75 14.21 3.01
CA VAL D 40 15.64 15.09 3.82
C VAL D 40 16.09 14.32 5.07
N SER D 41 17.39 14.34 5.34
CA SER D 41 17.94 13.63 6.46
C SER D 41 17.91 14.48 7.74
N SER D 42 18.19 13.82 8.84
CA SER D 42 18.23 14.48 10.18
C SER D 42 19.28 15.62 10.28
N THR D 43 20.28 15.62 9.42
CA THR D 43 21.28 16.71 9.38
C THR D 43 20.97 17.78 8.32
N GLY D 44 19.86 17.62 7.60
CA GLY D 44 19.46 18.54 6.53
C GLY D 44 19.90 18.22 5.11
N GLY D 45 20.53 17.06 4.87
CA GLY D 45 20.91 16.68 3.51
C GLY D 45 19.66 16.35 2.69
N VAL D 46 19.69 16.64 1.40
CA VAL D 46 18.54 16.42 0.53
C VAL D 46 18.95 15.53 -0.61
N TRP D 47 18.09 14.54 -0.94
CA TRP D 47 18.30 13.69 -2.13
C TRP D 47 17.03 13.63 -2.96
N ARG D 48 17.16 13.52 -4.29
CA ARG D 48 16.03 13.29 -5.20
C ARG D 48 15.90 11.78 -5.44
N ILE D 49 14.67 11.29 -5.33
CA ILE D 49 14.37 9.88 -5.67
C ILE D 49 14.28 9.78 -7.17
N SER D 50 14.96 8.76 -7.75
CA SER D 50 14.82 8.48 -9.20
C SER D 50 13.39 8.23 -9.61
N ARG D 51 13.06 8.63 -10.81
CA ARG D 51 11.75 8.36 -11.39
C ARG D 51 11.84 7.79 -12.78
N ALA D 52 10.84 6.99 -13.15
CA ALA D 52 10.84 6.32 -14.47
C ALA D 52 9.45 5.99 -14.85
N LYS D 53 9.11 6.23 -16.12
CA LYS D 53 7.79 5.87 -16.63
C LYS D 53 7.61 4.40 -17.02
N ASP D 54 8.65 3.77 -17.57
CA ASP D 54 8.53 2.42 -18.12
C ASP D 54 9.10 1.29 -17.28
N TYR D 55 8.62 0.09 -17.58
CA TYR D 55 9.09 -1.14 -16.99
C TYR D 55 10.48 -1.47 -17.51
N PRO D 56 11.43 -1.92 -16.67
CA PRO D 56 11.22 -2.31 -15.29
C PRO D 56 11.54 -1.23 -14.25
N ASP D 57 12.08 -0.09 -14.67
CA ASP D 57 12.57 0.89 -13.68
C ASP D 57 11.39 1.55 -12.98
N ASN D 58 10.20 1.53 -13.58
CA ASN D 58 9.00 1.99 -12.85
C ASN D 58 8.71 1.15 -11.60
N VAL D 59 9.02 -0.15 -11.60
CA VAL D 59 8.94 -0.99 -10.38
C VAL D 59 9.99 -0.55 -9.28
N MET D 60 11.25 -0.48 -9.68
CA MET D 60 12.31 -0.12 -8.71
C MET D 60 12.09 1.26 -8.12
N THR D 61 11.71 2.22 -8.95
CA THR D 61 11.52 3.60 -8.45
C THR D 61 10.32 3.67 -7.49
N ALA D 62 9.25 2.93 -7.77
CA ALA D 62 8.11 2.82 -6.83
C ALA D 62 8.56 2.26 -5.50
N GLU D 63 9.45 1.24 -5.51
CA GLU D 63 9.95 0.64 -4.27
C GLU D 63 10.90 1.60 -3.53
N MET D 64 11.63 2.44 -4.27
CA MET D 64 12.43 3.51 -3.59
C MET D 64 11.52 4.42 -2.78
N ARG D 65 10.42 4.80 -3.37
CA ARG D 65 9.46 5.69 -2.68
C ARG D 65 8.88 4.97 -1.46
N LYS D 66 8.54 3.67 -1.60
CA LYS D 66 8.02 2.91 -0.47
C LYS D 66 9.08 2.83 0.67
N ILE D 67 10.33 2.63 0.29
CA ILE D 67 11.44 2.57 1.28
C ILE D 67 11.54 3.92 2.02
N ALA D 68 11.53 4.99 1.25
CA ALA D 68 11.63 6.36 1.83
C ALA D 68 10.53 6.63 2.83
N MET D 69 9.29 6.31 2.48
N MET D 69 9.29 6.31 2.48
CA MET D 69 8.19 6.52 3.42
CA MET D 69 8.19 6.52 3.43
C MET D 69 8.36 5.65 4.66
C MET D 69 8.34 5.64 4.66
N ALA D 70 8.71 4.39 4.45
CA ALA D 70 8.86 3.46 5.57
C ALA D 70 9.98 3.89 6.54
N ALA D 71 11.04 4.42 5.97
CA ALA D 71 12.14 4.99 6.80
C ALA D 71 11.70 6.21 7.62
N VAL D 72 10.95 7.09 6.99
CA VAL D 72 10.45 8.31 7.68
C VAL D 72 9.52 7.91 8.81
N LEU D 73 8.63 6.96 8.55
CA LEU D 73 7.64 6.53 9.58
C LEU D 73 8.25 5.82 10.77
N SER D 74 9.28 5.04 10.53
CA SER D 74 9.83 4.08 11.50
C SER D 74 11.14 4.55 12.17
N GLY D 75 11.82 5.47 11.53
CA GLY D 75 13.18 5.85 11.93
C GLY D 75 14.25 4.87 11.53
N MET D 76 13.90 3.83 10.77
CA MET D 76 14.89 2.87 10.27
C MET D 76 15.84 3.58 9.35
N ARG D 77 17.12 3.26 9.47
CA ARG D 77 18.15 3.89 8.67
C ARG D 77 18.18 3.33 7.22
N VAL D 78 18.72 4.14 6.34
CA VAL D 78 18.99 3.73 4.94
C VAL D 78 20.45 3.93 4.57
N ASN D 79 20.87 3.11 3.59
CA ASN D 79 22.14 3.32 2.89
C ASN D 79 21.81 3.67 1.48
N MET D 80 22.51 4.67 0.96
CA MET D 80 22.23 5.16 -0.40
C MET D 80 23.46 5.05 -1.30
N CYS D 81 23.20 4.83 -2.58
CA CYS D 81 24.18 5.02 -3.66
C CYS D 81 23.68 6.19 -4.46
N ALA D 82 24.30 7.36 -4.28
CA ALA D 82 23.76 8.63 -4.78
C ALA D 82 24.76 9.37 -5.68
N SER D 83 24.29 9.83 -6.82
CA SER D 83 25.16 10.55 -7.77
C SER D 83 25.37 12.01 -7.34
N PRO D 84 26.64 12.44 -7.24
CA PRO D 84 26.91 13.87 -6.97
C PRO D 84 26.81 14.81 -8.16
N ALA D 85 26.45 14.29 -9.32
CA ALA D 85 26.43 15.09 -10.56
C ALA D 85 25.35 16.17 -10.59
N SER D 86 24.28 15.96 -9.83
CA SER D 86 23.19 16.98 -9.74
C SER D 86 22.94 17.35 -8.31
N SER D 87 22.15 18.41 -8.20
CA SER D 87 21.75 18.97 -6.93
C SER D 87 20.24 19.19 -6.89
N PRO D 88 19.52 18.55 -6.00
CA PRO D 88 20.04 17.56 -5.07
C PRO D 88 20.58 16.31 -5.73
N ASN D 89 21.44 15.62 -5.00
CA ASN D 89 22.01 14.35 -5.47
C ASN D 89 20.89 13.34 -5.71
N VAL D 90 21.02 12.56 -6.77
CA VAL D 90 20.00 11.59 -7.15
C VAL D 90 20.33 10.19 -6.61
N ILE D 91 19.31 9.55 -6.02
CA ILE D 91 19.42 8.18 -5.51
C ILE D 91 19.30 7.15 -6.67
N TRP D 92 20.38 6.41 -6.90
CA TRP D 92 20.44 5.32 -7.88
C TRP D 92 20.19 3.94 -7.28
N ALA D 93 20.47 3.80 -5.98
CA ALA D 93 20.15 2.61 -5.22
C ALA D 93 19.96 2.96 -3.76
N ILE D 94 19.10 2.21 -3.09
CA ILE D 94 18.83 2.46 -1.67
C ILE D 94 18.57 1.10 -0.97
N GLU D 95 19.04 1.04 0.25
CA GLU D 95 18.95 -0.13 1.12
C GLU D 95 18.32 0.26 2.42
N LEU D 96 17.14 -0.26 2.71
CA LEU D 96 16.47 -0.09 4.01
C LEU D 96 16.97 -1.13 4.96
N GLU D 97 17.36 -0.71 6.16
CA GLU D 97 17.88 -1.70 7.12
C GLU D 97 17.15 -1.73 8.43
N ALA D 98 16.86 -2.94 8.89
CA ALA D 98 16.20 -3.13 10.18
C ALA D 98 17.19 -2.93 11.33
N GLU D 99 16.77 -2.58 12.41
N GLY E 1 7.86 -23.48 10.94
CA GLY E 1 8.41 -24.04 9.67
C GLY E 1 7.50 -23.83 8.46
N ALA E 2 8.05 -24.07 7.29
CA ALA E 2 7.32 -23.95 6.02
C ALA E 2 6.15 -24.91 6.02
N SER E 3 5.05 -24.47 5.45
CA SER E 3 3.89 -25.31 5.30
C SER E 3 4.20 -26.53 4.42
N GLN E 4 3.54 -27.65 4.66
N GLN E 4 3.54 -27.64 4.65
CA GLN E 4 3.73 -28.82 3.78
CA GLN E 4 3.72 -28.83 3.79
C GLN E 4 3.42 -28.51 2.33
C GLN E 4 3.41 -28.51 2.33
N PHE E 5 2.38 -27.69 2.10
CA PHE E 5 2.05 -27.23 0.77
C PHE E 5 3.22 -26.50 0.06
N PHE E 6 3.79 -25.54 0.77
CA PHE E 6 4.94 -24.79 0.24
C PHE E 6 6.13 -25.69 -0.09
N LYS E 7 6.39 -26.60 0.82
CA LYS E 7 7.51 -27.57 0.65
C LYS E 7 7.27 -28.51 -0.56
N ASP E 8 6.07 -29.08 -0.64
CA ASP E 8 5.69 -29.97 -1.77
C ASP E 8 5.87 -29.25 -3.11
N ASN E 9 5.39 -28.02 -3.18
CA ASN E 9 5.48 -27.24 -4.39
C ASN E 9 6.97 -26.95 -4.80
N CYS E 10 7.82 -26.61 -3.83
CA CYS E 10 9.26 -26.35 -4.10
C CYS E 10 9.97 -27.65 -4.53
N ASN E 11 9.53 -28.74 -3.91
CA ASN E 11 10.12 -30.08 -4.18
C ASN E 11 9.93 -30.56 -5.63
N ARG E 12 8.96 -29.98 -6.33
CA ARG E 12 8.74 -30.27 -7.74
C ARG E 12 9.79 -29.63 -8.65
N THR E 13 10.59 -28.71 -8.11
CA THR E 13 11.44 -27.88 -8.93
C THR E 13 12.95 -28.10 -8.63
N THR E 14 13.76 -27.43 -9.45
CA THR E 14 15.24 -27.38 -9.32
C THR E 14 15.70 -26.38 -8.28
N ALA E 15 14.75 -25.61 -7.76
CA ALA E 15 15.05 -24.65 -6.70
C ALA E 15 15.23 -25.25 -5.34
N SER E 16 15.83 -24.48 -4.44
CA SER E 16 16.13 -24.89 -3.12
C SER E 16 15.20 -24.26 -2.09
N LEU E 17 14.80 -25.06 -1.14
CA LEU E 17 14.01 -24.60 0.01
C LEU E 17 14.89 -24.01 1.10
N VAL E 18 14.59 -22.80 1.50
CA VAL E 18 15.26 -22.13 2.63
C VAL E 18 14.24 -21.73 3.65
N GLU E 19 14.38 -22.23 4.88
CA GLU E 19 13.35 -22.03 5.93
C GLU E 19 13.76 -21.12 7.03
N GLY E 20 12.78 -20.40 7.55
CA GLY E 20 12.98 -19.55 8.74
C GLY E 20 13.98 -18.39 8.63
N VAL E 21 14.03 -17.78 7.45
CA VAL E 21 14.93 -16.69 7.16
C VAL E 21 14.44 -15.37 7.76
N GLU E 22 15.35 -14.65 8.43
CA GLU E 22 15.10 -13.31 8.91
C GLU E 22 15.69 -12.32 7.93
N LEU E 23 14.84 -11.55 7.28
CA LEU E 23 15.29 -10.55 6.31
C LEU E 23 15.46 -9.22 7.06
N THR E 24 16.63 -8.63 6.89
CA THR E 24 17.03 -7.41 7.59
C THR E 24 17.36 -6.24 6.69
N LYS E 25 17.51 -6.49 5.39
CA LYS E 25 17.68 -5.41 4.44
C LYS E 25 16.81 -5.59 3.17
N TYR E 26 16.35 -4.47 2.61
CA TYR E 26 15.61 -4.46 1.35
C TYR E 26 16.20 -3.40 0.41
N ILE E 27 16.54 -3.83 -0.79
CA ILE E 27 17.31 -3.05 -1.75
C ILE E 27 16.54 -2.80 -3.04
N SER E 28 16.47 -1.55 -3.46
CA SER E 28 16.06 -1.19 -4.81
C SER E 28 17.24 -0.52 -5.56
N ASP E 29 17.54 -1.02 -6.76
CA ASP E 29 18.74 -0.60 -7.52
C ASP E 29 18.40 -0.39 -8.97
N ILE E 30 18.72 0.79 -9.51
CA ILE E 30 18.51 1.04 -10.94
C ILE E 30 19.79 1.22 -11.75
N ASN E 31 20.88 0.88 -11.15
CA ASN E 31 22.22 1.01 -11.84
C ASN E 31 22.34 -0.04 -12.92
N ASN E 32 23.09 0.29 -13.97
CA ASN E 32 23.33 -0.69 -15.05
C ASN E 32 23.89 -1.97 -14.49
N ASN E 33 23.37 -3.09 -14.96
CA ASN E 33 23.95 -4.39 -14.62
C ASN E 33 23.65 -4.91 -13.24
N THR E 34 23.33 -4.03 -12.27
CA THR E 34 22.92 -4.47 -10.95
C THR E 34 21.45 -4.16 -10.63
N ASP E 35 20.75 -3.66 -11.61
CA ASP E 35 19.34 -3.23 -11.51
C ASP E 35 18.45 -4.38 -11.03
N GLY E 36 17.61 -4.08 -10.06
CA GLY E 36 16.68 -5.06 -9.53
C GLY E 36 16.25 -4.76 -8.11
N MET E 37 15.44 -5.68 -7.57
CA MET E 37 15.01 -5.69 -6.16
C MET E 37 15.62 -6.90 -5.46
N TYR E 38 16.21 -6.65 -4.29
CA TYR E 38 16.90 -7.67 -3.52
C TYR E 38 16.55 -7.65 -2.05
N VAL E 39 16.76 -8.77 -1.39
CA VAL E 39 16.67 -8.85 0.03
C VAL E 39 17.98 -9.47 0.58
N VAL E 40 18.30 -9.08 1.80
CA VAL E 40 19.45 -9.59 2.54
C VAL E 40 19.03 -10.13 3.90
N SER E 41 19.55 -11.30 4.26
CA SER E 41 19.18 -11.92 5.51
C SER E 41 20.14 -11.47 6.68
N SER E 42 19.73 -11.83 7.88
CA SER E 42 20.49 -11.54 9.12
C SER E 42 21.88 -12.19 9.12
N THR E 43 22.08 -13.22 8.31
CA THR E 43 23.41 -13.86 8.17
C THR E 43 24.18 -13.43 6.93
N GLY E 44 23.61 -12.50 6.17
CA GLY E 44 24.27 -11.93 4.97
C GLY E 44 23.97 -12.62 3.63
N GLY E 45 23.00 -13.53 3.61
CA GLY E 45 22.55 -14.12 2.35
C GLY E 45 21.78 -13.08 1.52
N VAL E 46 21.88 -13.17 0.22
CA VAL E 46 21.26 -12.23 -0.73
C VAL E 46 20.43 -12.97 -1.76
N TRP E 47 19.20 -12.50 -1.99
CA TRP E 47 18.29 -13.05 -2.99
C TRP E 47 17.72 -11.95 -3.88
N ARG E 48 17.52 -12.25 -5.17
CA ARG E 48 16.84 -11.35 -6.11
C ARG E 48 15.35 -11.71 -6.13
N ILE E 49 14.52 -10.69 -6.05
CA ILE E 49 13.07 -10.85 -6.21
C ILE E 49 12.73 -10.89 -7.69
N SER E 50 11.96 -11.89 -8.11
CA SER E 50 11.48 -11.99 -9.51
C SER E 50 10.65 -10.76 -9.93
N ARG E 51 10.72 -10.41 -11.19
CA ARG E 51 9.83 -9.39 -11.73
C ARG E 51 9.18 -9.85 -13.06
N ALA E 52 8.09 -9.21 -13.41
CA ALA E 52 7.27 -9.57 -14.61
C ALA E 52 6.40 -8.41 -15.00
N LYS E 53 6.39 -8.08 -16.30
CA LYS E 53 5.60 -6.93 -16.73
C LYS E 53 4.08 -7.21 -16.78
N ASP E 54 3.72 -8.41 -17.18
CA ASP E 54 2.31 -8.67 -17.53
C ASP E 54 1.63 -9.60 -16.61
N TYR E 55 0.30 -9.66 -16.78
CA TYR E 55 -0.56 -10.54 -16.02
C TYR E 55 -0.39 -11.96 -16.49
N PRO E 56 -0.36 -12.96 -15.61
CA PRO E 56 -0.65 -12.84 -14.15
C PRO E 56 0.59 -12.71 -13.23
N ASP E 57 1.78 -12.83 -13.78
CA ASP E 57 2.97 -12.86 -12.93
C ASP E 57 3.23 -11.47 -12.33
N ASN E 58 2.74 -10.42 -12.96
CA ASN E 58 2.89 -9.09 -12.35
C ASN E 58 2.19 -8.99 -10.99
N VAL E 59 1.14 -9.76 -10.78
CA VAL E 59 0.49 -9.85 -9.43
C VAL E 59 1.38 -10.53 -8.42
N MET E 60 1.80 -11.76 -8.74
CA MET E 60 2.60 -12.50 -7.78
C MET E 60 3.90 -11.74 -7.43
N THR E 61 4.56 -11.17 -8.43
CA THR E 61 5.85 -10.49 -8.18
C THR E 61 5.65 -9.24 -7.30
N ALA E 62 4.57 -8.48 -7.57
CA ALA E 62 4.21 -7.36 -6.66
C ALA E 62 4.02 -7.84 -5.22
N GLU E 63 3.37 -9.03 -5.04
CA GLU E 63 3.14 -9.51 -3.68
C GLU E 63 4.46 -10.00 -3.05
N MET E 64 5.38 -10.53 -3.86
CA MET E 64 6.71 -10.84 -3.31
C MET E 64 7.39 -9.59 -2.69
N ARG E 65 7.32 -8.48 -3.40
CA ARG E 65 7.88 -7.19 -2.93
C ARG E 65 7.20 -6.78 -1.63
N LYS E 66 5.88 -6.93 -1.55
CA LYS E 66 5.14 -6.55 -0.34
C LYS E 66 5.51 -7.47 0.84
N ILE E 67 5.67 -8.77 0.58
CA ILE E 67 6.09 -9.72 1.60
C ILE E 67 7.52 -9.34 2.12
N ALA E 68 8.40 -9.06 1.19
CA ALA E 68 9.80 -8.67 1.55
C ALA E 68 9.85 -7.43 2.45
C ME0 E 69 8.44 -5.46 4.29
N ME0 E 69 9.11 -6.38 2.09
O ME0 E 69 8.93 -5.00 5.30
CA ME0 E 69 9.05 -5.18 2.91
CB ME0 E 69 8.29 -4.07 2.20
SD ME0 E 69 9.43 -1.83 3.23
CE ME0 E 69 9.18 -0.88 1.78
OF ME0 E 69 8.48 -1.69 0.78
CG ME0 E 69 7.99 -2.90 3.09
N ALA E 70 7.37 -6.22 4.30
CA ALA E 70 6.68 -6.54 5.56
C ALA E 70 7.56 -7.35 6.50
N ALA E 71 8.34 -8.24 5.94
CA ALA E 71 9.31 -9.06 6.74
C ALA E 71 10.41 -8.21 7.32
N VAL E 72 10.93 -7.29 6.50
CA VAL E 72 12.01 -6.38 6.97
C VAL E 72 11.51 -5.46 8.10
N LEU E 73 10.34 -4.88 7.90
CA LEU E 73 9.75 -3.98 8.91
C LEU E 73 9.42 -4.68 10.23
N SER E 74 8.91 -5.90 10.15
CA SER E 74 8.32 -6.62 11.33
C SER E 74 9.25 -7.61 11.98
N GLY E 75 10.24 -8.09 11.25
CA GLY E 75 11.10 -9.19 11.70
C GLY E 75 10.42 -10.55 11.60
N MET E 76 9.24 -10.64 10.97
CA MET E 76 8.62 -11.92 10.64
C MET E 76 9.48 -12.71 9.70
N ARG E 77 9.55 -14.01 9.93
CA ARG E 77 10.37 -14.89 9.08
C ARG E 77 9.69 -15.23 7.79
N VAL E 78 10.50 -15.62 6.82
CA VAL E 78 10.02 -16.12 5.53
C VAL E 78 10.65 -17.48 5.21
N ASN E 79 9.92 -18.24 4.40
CA ASN E 79 10.46 -19.42 3.71
C ASN E 79 10.54 -19.14 2.23
N MET E 80 11.63 -19.54 1.57
CA MET E 80 11.84 -19.24 0.16
C MET E 80 12.06 -20.53 -0.64
N CYS E 81 11.62 -20.47 -1.86
CA CYS E 81 11.96 -21.43 -2.92
C CYS E 81 12.79 -20.66 -3.93
N ALA E 82 14.11 -20.85 -3.91
CA ALA E 82 15.05 -20.02 -4.66
C ALA E 82 15.97 -20.82 -5.59
N SER E 83 16.06 -20.38 -6.85
CA SER E 83 16.89 -21.09 -7.83
C SER E 83 18.40 -20.80 -7.58
N PRO E 84 19.25 -21.85 -7.49
CA PRO E 84 20.70 -21.63 -7.39
C PRO E 84 21.39 -21.38 -8.71
N ALA E 85 20.65 -21.30 -9.80
CA ALA E 85 21.24 -21.18 -11.14
C ALA E 85 21.92 -19.86 -11.38
N SER E 86 21.51 -18.84 -10.63
CA SER E 86 22.17 -17.55 -10.74
C SER E 86 22.52 -16.95 -9.37
N SER E 87 23.28 -15.86 -9.43
CA SER E 87 23.78 -15.18 -8.28
C SER E 87 23.53 -13.68 -8.35
N PRO E 88 22.77 -13.11 -7.41
CA PRO E 88 22.12 -13.80 -6.33
C PRO E 88 21.01 -14.75 -6.76
N ASN E 89 20.73 -15.74 -5.91
CA ASN E 89 19.68 -16.71 -6.21
C ASN E 89 18.32 -15.97 -6.39
N VAL E 90 17.54 -16.40 -7.34
CA VAL E 90 16.21 -15.79 -7.68
C VAL E 90 15.05 -16.51 -6.97
N ILE E 91 14.20 -15.69 -6.35
CA ILE E 91 13.04 -16.19 -5.60
C ILE E 91 11.92 -16.55 -6.54
N TRP E 92 11.57 -17.82 -6.51
CA TRP E 92 10.44 -18.37 -7.32
C TRP E 92 9.13 -18.54 -6.53
N ALA E 93 9.25 -18.65 -5.23
CA ALA E 93 8.10 -18.63 -4.31
C ALA E 93 8.59 -18.18 -2.96
N ILE E 94 7.70 -17.52 -2.23
CA ILE E 94 7.99 -17.06 -0.91
C ILE E 94 6.75 -17.15 -0.02
N GLU E 95 6.99 -17.49 1.24
CA GLU E 95 5.98 -17.70 2.29
C GLU E 95 6.32 -16.83 3.51
N LEU E 96 5.45 -15.85 3.80
CA LEU E 96 5.56 -15.01 4.99
C LEU E 96 4.87 -15.73 6.15
N GLU E 97 5.55 -15.83 7.29
CA GLU E 97 4.92 -16.54 8.42
C GLU E 97 4.82 -15.71 9.70
N ALA E 98 3.64 -15.75 10.28
CA ALA E 98 3.41 -15.03 11.56
C ALA E 98 4.06 -15.76 12.73
N GLU E 99 4.38 -15.10 13.72
C1 GAL F . -26.71 -19.72 -11.88
C2 GAL F . -25.92 -20.05 -10.57
C3 GAL F . -24.39 -20.00 -10.76
C4 GAL F . -23.95 -20.69 -12.04
C5 GAL F . -24.80 -20.18 -13.22
C6 GAL F . -24.46 -20.80 -14.57
O1 GAL F . -28.09 -20.12 -11.82
O2 GAL F . -26.34 -19.17 -9.50
O3 GAL F . -23.80 -20.68 -9.63
O4 GAL F . -24.11 -22.11 -11.86
O5 GAL F . -26.17 -20.47 -12.95
O6 GAL F . -25.27 -20.18 -15.57
C1 SIA F . -22.46 -21.09 -7.78
C2 SIA F . -22.75 -20.07 -8.85
C3 SIA F . -22.88 -18.62 -8.27
C4 SIA F . -21.53 -18.11 -7.75
C5 SIA F . -20.44 -18.24 -8.85
C6 SIA F . -20.36 -19.69 -9.34
C7 SIA F . -19.36 -19.96 -10.44
C8 SIA F . -19.59 -21.38 -11.00
C9 SIA F . -18.52 -21.79 -11.98
C10 SIA F . -18.31 -17.06 -9.03
C11 SIA F . -17.05 -16.55 -8.35
N5 SIA F . -19.19 -17.73 -8.30
O1A SIA F . -22.93 -20.94 -6.65
O1B SIA F . -21.77 -22.11 -8.04
O4 SIA F . -21.70 -16.73 -7.43
O6 SIA F . -21.70 -20.10 -9.79
O7 SIA F . -19.52 -19.06 -11.55
O8 SIA F . -19.71 -22.34 -9.95
O9 SIA F . -17.37 -22.04 -11.17
O10 SIA F . -18.51 -16.86 -10.18
C1 GAL G . 30.16 6.63 -18.64
C2 GAL G . 29.25 5.53 -18.07
C3 GAL G . 29.14 5.65 -16.58
C4 GAL G . 30.56 5.72 -15.96
C5 GAL G . 31.42 6.83 -16.59
C6 GAL G . 32.83 6.95 -15.97
O1 GAL G . 30.31 6.44 -20.06
O2 GAL G . 27.94 5.67 -18.57
O3 GAL G . 28.44 4.49 -16.04
O4 GAL G . 31.14 4.43 -16.07
O5 GAL G . 31.46 6.60 -18.01
O6 GAL G . 33.26 8.36 -15.98
C1 SIA G . 28.07 5.60 -13.90
C2 SIA G . 27.43 4.79 -15.02
C3 SIA G . 26.88 3.46 -14.41
C4 SIA G . 25.64 3.68 -13.51
C5 SIA G . 24.59 4.50 -14.26
C6 SIA G . 25.19 5.85 -14.74
C7 SIA G . 24.29 6.82 -15.53
C8 SIA G . 25.14 8.00 -16.10
C9 SIA G . 24.29 9.19 -16.55
C10 SIA G . 22.16 4.79 -13.85
C11 SIA G . 21.08 5.00 -12.84
N5 SIA G . 23.41 4.72 -13.39
O1A SIA G . 28.62 4.97 -13.00
O1B SIA G . 28.04 6.86 -13.99
O4 SIA G . 25.10 2.40 -13.20
O6 SIA G . 26.37 5.58 -15.58
O7 SIA G . 23.64 6.16 -16.68
O8 SIA G . 26.12 8.50 -15.18
O9 SIA G . 23.52 9.59 -15.41
O10 SIA G . 21.87 4.72 -15.02
C1 GAL H . 12.91 -27.88 -17.89
C2 GAL H . 11.84 -27.49 -16.93
C3 GAL H . 12.43 -27.02 -15.63
C4 GAL H . 13.25 -28.17 -15.16
C5 GAL H . 14.32 -28.51 -16.15
C6 GAL H . 15.17 -29.59 -15.53
O1 GAL H . 12.19 -28.29 -19.06
O2 GAL H . 11.06 -26.54 -17.60
O3 GAL H . 11.39 -26.94 -14.70
O4 GAL H . 12.28 -29.20 -15.08
O5 GAL H . 13.67 -28.94 -17.34
O6 GAL H . 16.54 -29.33 -15.72
C1 SIA H . 12.51 -25.96 -12.87
C2 SIA H . 11.43 -25.76 -13.86
C3 SIA H . 10.05 -25.61 -13.18
C4 SIA H . 9.96 -24.26 -12.47
C5 SIA H . 10.29 -23.12 -13.40
C6 SIA H . 11.71 -23.35 -13.98
C7 SIA H . 12.26 -22.29 -14.92
C8 SIA H . 13.48 -22.81 -15.68
C9 SIA H . 14.19 -21.81 -16.58
C10 SIA H . 9.78 -20.72 -13.20
C11 SIA H . 9.71 -19.57 -12.22
N5 SIA H . 10.20 -21.86 -12.66
O1A SIA H . 12.28 -26.62 -11.84
O1B SIA H . 13.65 -25.53 -13.20
O4 SIA H . 8.62 -24.15 -11.99
O6 SIA H . 11.66 -24.62 -14.67
O7 SIA H . 11.23 -22.00 -15.84
O8 SIA H . 14.37 -23.37 -14.74
O9 SIA H . 14.58 -20.65 -15.81
O10 SIA H . 9.47 -20.54 -14.36
NA NA I . -23.52 -23.43 0.06
NA NA J . -28.31 15.11 1.57
C1 SIA K . -27.72 13.53 -6.65
C2 SIA K . -26.96 14.00 -7.87
C3 SIA K . -25.62 14.66 -7.47
C4 SIA K . -24.59 13.63 -6.94
C5 SIA K . -24.49 12.38 -7.85
C6 SIA K . -25.89 11.81 -8.12
C7 SIA K . -25.99 10.58 -9.05
C8 SIA K . -27.47 10.26 -9.42
C9 SIA K . -27.70 8.95 -10.17
C10 SIA K . -22.78 10.63 -7.91
C11 SIA K . -21.95 9.66 -7.12
N5 SIA K . -23.66 11.34 -7.24
O1A SIA K . -27.51 14.09 -5.56
O1B SIA K . -28.56 12.57 -6.77
O2 SIA K . -27.79 14.93 -8.62
O4 SIA K . -23.30 14.28 -6.82
O6 SIA K . -26.69 12.87 -8.72
O7 SIA K . -25.25 10.86 -10.25
O8 SIA K . -28.26 10.23 -8.24
O9 SIA K . -27.16 7.86 -9.38
O10 SIA K . -22.61 10.73 -9.09
NA NA L . 31.28 4.61 -6.38
C1 SIA M . 11.95 11.17 -16.39
C2 SIA M . 13.16 11.16 -17.32
C3 SIA M . 14.45 11.43 -16.56
C4 SIA M . 14.83 10.23 -15.65
C5 SIA M . 14.71 8.87 -16.34
C6 SIA M . 13.38 8.74 -17.03
C7 SIA M . 13.14 7.44 -17.79
C8 SIA M . 11.82 7.43 -18.51
C9 SIA M . 11.50 6.04 -19.03
C10 SIA M . 15.80 6.99 -15.26
C11 SIA M . 15.70 6.06 -14.10
N5 SIA M . 14.82 7.85 -15.35
O1A SIA M . 11.89 11.88 -15.37
O1B SIA M . 11.01 10.39 -16.67
O2 SIA M . 12.96 12.15 -18.37
O4 SIA M . 16.18 10.36 -15.21
O6 SIA M . 13.29 9.88 -17.92
O7 SIA M . 14.12 7.23 -18.81
O8 SIA M . 10.73 7.94 -17.73
O9 SIA M . 11.32 5.05 -18.01
O10 SIA M . 16.74 6.94 -16.07
NA NA N . 13.68 -28.58 -5.01
#